data_8JAD
#
_entry.id   8JAD
#
_cell.length_a   57.591
_cell.length_b   63.000
_cell.length_c   143.407
_cell.angle_alpha   90.000
_cell.angle_beta   90.000
_cell.angle_gamma   90.000
#
_symmetry.space_group_name_H-M   'P 21 21 21'
#
loop_
_entity.id
_entity.type
_entity.pdbx_description
1 polymer 'Trehalose-binding lipoprotein LpqY'
2 branched alpha-D-glucopyranose-(1-1)-6-amino-6-deoxy-alpha-D-glucopyranose
3 non-polymer 'BENZOIC ACID'
4 non-polymer 'SULFATE ION'
5 water water
#
_entity_poly.entity_id   1
_entity_poly.type   'polypeptide(L)'
_entity_poly.pdbx_seq_one_letter_code
;VVMSRGRIPRLGAAVLVALTTAAAACGADSQGLVVSFYTPATDGATFTAIAQRCNQQFGGRFTIAQVSLPRSPNEQRLQL
ARRLTGNDRTLDVMALDVVWTAEFAEAGWALPLSDDPAGLAENDAVADTLPGPLATAGWNHKLYAAPVTTNTQLLWYRPD
LVNSPPTDWNAMIAEAARLHAAGEPSWIAVQANQGEGLVVWFNTLLVSAGGSVLSEDGRHVTLTDTPAHRAATVSALQIL
KSVATTPGADPSITRTEEGSARLAFEQGKAALEVNWPFVFASMLENAVKGGVPFLPLNRIPQLAGSINDIGTFTPSDEQF
RIAYDASQQVFGFAPYPAVAPGQPAKVTIGGLNLAVAKTTRHRAEAFEAVRCLRDQHNQRYVSLEGGLPAVRASLYSDPQ
FQAKYPMHAIIRQQLTDAAVRPATPVYQALSIRLAAVLSPITEIDPESTADELAAQAQKAIDGMGLLP
;
_entity_poly.pdbx_strand_id   A
#
loop_
_chem_comp.id
_chem_comp.type
_chem_comp.name
_chem_comp.formula
BEZ non-polymer 'BENZOIC ACID' 'C7 H6 O2'
GLC D-saccharide, alpha linking alpha-D-glucopyranose 'C6 H12 O6'
SO4 non-polymer 'SULFATE ION' 'O4 S -2'
YYD D-saccharide 6-amino-6-deoxy-alpha-D-glucopyranose 'C6 H13 N O5'
#
# COMPACT_ATOMS: atom_id res chain seq x y z
N GLY A 32 -25.56 1.95 -22.81
CA GLY A 32 -25.18 3.31 -23.17
C GLY A 32 -23.68 3.53 -23.22
N LEU A 33 -23.23 4.66 -22.68
CA LEU A 33 -21.82 5.00 -22.74
C LEU A 33 -21.01 4.12 -21.79
N VAL A 34 -19.71 4.08 -22.05
CA VAL A 34 -18.75 3.29 -21.28
C VAL A 34 -17.86 4.25 -20.50
N VAL A 35 -17.74 4.01 -19.20
CA VAL A 35 -16.82 4.73 -18.34
C VAL A 35 -15.62 3.83 -18.12
N SER A 36 -14.45 4.25 -18.59
CA SER A 36 -13.24 3.48 -18.43
C SER A 36 -12.67 3.71 -17.03
N PHE A 37 -12.28 2.61 -16.37
CA PHE A 37 -11.83 2.61 -14.99
C PHE A 37 -10.48 1.92 -14.96
N TYR A 38 -9.40 2.70 -14.90
CA TYR A 38 -8.05 2.14 -14.95
C TYR A 38 -7.55 1.88 -13.53
N THR A 39 -7.16 0.65 -13.26
CA THR A 39 -6.69 0.22 -11.94
C THR A 39 -5.44 -0.61 -12.10
N PRO A 40 -4.61 -0.73 -11.05
CA PRO A 40 -3.49 -1.67 -11.10
C PRO A 40 -3.96 -3.08 -11.46
N ALA A 41 -3.11 -3.80 -12.20
CA ALA A 41 -3.49 -5.13 -12.68
C ALA A 41 -3.70 -6.10 -11.52
N THR A 42 -2.87 -6.02 -10.48
CA THR A 42 -3.01 -6.94 -9.36
C THR A 42 -4.32 -6.74 -8.60
N ASP A 43 -5.03 -5.66 -8.92
CA ASP A 43 -6.33 -5.35 -8.27
C ASP A 43 -7.44 -5.34 -9.35
N GLY A 44 -7.13 -5.85 -10.55
CA GLY A 44 -8.08 -5.90 -11.64
C GLY A 44 -9.35 -6.65 -11.30
N ALA A 45 -9.21 -7.93 -10.99
CA ALA A 45 -10.34 -8.77 -10.63
C ALA A 45 -11.23 -8.08 -9.60
N THR A 46 -10.61 -7.63 -8.49
CA THR A 46 -11.36 -6.99 -7.43
C THR A 46 -12.20 -5.84 -7.98
N PHE A 47 -11.54 -4.93 -8.68
CA PHE A 47 -12.27 -3.77 -9.17
C PHE A 47 -13.25 -4.18 -10.26
N THR A 48 -12.87 -5.17 -11.09
CA THR A 48 -13.81 -5.70 -12.06
C THR A 48 -15.10 -6.09 -11.35
N ALA A 49 -14.97 -6.86 -10.26
CA ALA A 49 -16.16 -7.27 -9.53
C ALA A 49 -16.95 -6.05 -9.10
N ILE A 50 -16.27 -5.08 -8.48
CA ILE A 50 -16.94 -3.88 -7.99
C ILE A 50 -17.65 -3.19 -9.15
N ALA A 51 -16.96 -3.07 -10.28
CA ALA A 51 -17.56 -2.37 -11.42
C ALA A 51 -18.84 -3.07 -11.85
N GLN A 52 -18.79 -4.40 -11.95
CA GLN A 52 -19.99 -5.16 -12.32
C GLN A 52 -21.12 -4.85 -11.37
N ARG A 53 -20.83 -4.87 -10.07
CA ARG A 53 -21.85 -4.53 -9.08
C ARG A 53 -22.45 -3.18 -9.39
N CYS A 54 -21.61 -2.18 -9.61
CA CYS A 54 -22.11 -0.84 -9.90
C CYS A 54 -22.87 -0.82 -11.22
N ASN A 55 -22.40 -1.61 -12.20
CA ASN A 55 -23.10 -1.69 -13.48
C ASN A 55 -24.50 -2.22 -13.29
N GLN A 56 -24.71 -3.07 -12.28
CA GLN A 56 -26.03 -3.62 -12.01
C GLN A 56 -26.98 -2.54 -11.47
N GLN A 57 -26.45 -1.41 -10.99
CA GLN A 57 -27.28 -0.39 -10.38
C GLN A 57 -27.42 0.86 -11.25
N PHE A 58 -27.11 0.77 -12.54
CA PHE A 58 -27.33 1.88 -13.44
C PHE A 58 -28.41 1.62 -14.47
N GLY A 59 -28.88 0.38 -14.58
CA GLY A 59 -29.94 0.06 -15.51
C GLY A 59 -29.62 0.37 -16.96
N GLY A 60 -28.39 0.06 -17.39
CA GLY A 60 -28.01 0.34 -18.75
C GLY A 60 -27.86 1.80 -19.09
N ARG A 61 -27.97 2.70 -18.11
CA ARG A 61 -27.71 4.11 -18.39
C ARG A 61 -26.26 4.32 -18.80
N PHE A 62 -25.33 3.62 -18.15
CA PHE A 62 -23.94 3.54 -18.59
C PHE A 62 -23.31 2.32 -17.93
N THR A 63 -22.11 1.97 -18.41
CA THR A 63 -21.43 0.77 -17.96
C THR A 63 -19.98 1.11 -17.62
N ILE A 64 -19.52 0.66 -16.45
CA ILE A 64 -18.13 0.81 -16.05
C ILE A 64 -17.32 -0.37 -16.57
N ALA A 65 -16.21 -0.10 -17.25
CA ALA A 65 -15.34 -1.13 -17.78
C ALA A 65 -13.96 -0.95 -17.16
N GLN A 66 -13.52 -1.96 -16.41
CA GLN A 66 -12.22 -1.89 -15.77
C GLN A 66 -11.14 -2.25 -16.78
N VAL A 67 -10.00 -1.55 -16.68
CA VAL A 67 -8.83 -1.76 -17.53
C VAL A 67 -7.59 -1.76 -16.64
N SER A 68 -6.69 -2.70 -16.90
CA SER A 68 -5.54 -2.93 -16.04
C SER A 68 -4.34 -2.11 -16.49
N LEU A 69 -3.62 -1.59 -15.50
CA LEU A 69 -2.33 -0.94 -15.63
C LEU A 69 -1.25 -1.85 -15.10
N PRO A 70 0.03 -1.56 -15.40
CA PRO A 70 1.14 -2.36 -14.84
C PRO A 70 1.16 -2.46 -13.32
N ARG A 71 2.14 -3.23 -12.82
CA ARG A 71 2.25 -3.50 -11.38
C ARG A 71 2.90 -2.36 -10.60
N SER A 72 3.87 -1.66 -11.20
CA SER A 72 4.53 -0.70 -10.33
C SER A 72 3.84 0.66 -10.41
N PRO A 73 3.74 1.37 -9.28
CA PRO A 73 3.19 2.74 -9.29
C PRO A 73 3.75 3.62 -10.39
N ASN A 74 5.06 3.53 -10.63
CA ASN A 74 5.70 4.36 -11.65
C ASN A 74 5.15 4.05 -13.05
N GLU A 75 4.93 2.78 -13.35
CA GLU A 75 4.47 2.42 -14.69
C GLU A 75 2.97 2.66 -14.86
N GLN A 76 2.19 2.45 -13.80
CA GLN A 76 0.82 2.94 -13.78
C GLN A 76 0.77 4.42 -14.15
N ARG A 77 1.60 5.22 -13.44
CA ARG A 77 1.69 6.64 -13.71
C ARG A 77 2.09 6.92 -15.15
N LEU A 78 3.06 6.16 -15.68
CA LEU A 78 3.54 6.42 -17.03
C LEU A 78 2.45 6.17 -18.07
N GLN A 79 1.76 5.04 -17.95
CA GLN A 79 0.65 4.75 -18.87
C GLN A 79 -0.41 5.84 -18.81
N LEU A 80 -0.81 6.22 -17.59
CA LEU A 80 -1.83 7.25 -17.45
C LEU A 80 -1.36 8.58 -18.04
N ALA A 81 -0.11 8.96 -17.74
CA ALA A 81 0.41 10.23 -18.22
C ALA A 81 0.46 10.26 -19.75
N ARG A 82 0.78 9.13 -20.37
CA ARG A 82 0.81 9.09 -21.83
C ARG A 82 -0.59 9.23 -22.42
N ARG A 83 -1.58 8.56 -21.82
CA ARG A 83 -2.95 8.76 -22.32
C ARG A 83 -3.43 10.19 -22.09
N LEU A 84 -2.98 10.84 -21.01
CA LEU A 84 -3.44 12.18 -20.69
C LEU A 84 -2.82 13.22 -21.61
N THR A 85 -1.50 13.22 -21.73
CA THR A 85 -0.85 14.12 -22.67
C THR A 85 -1.20 13.80 -24.11
N GLY A 86 -1.58 12.56 -24.39
CA GLY A 86 -2.03 12.16 -25.71
C GLY A 86 -3.49 12.44 -26.00
N ASN A 87 -4.19 13.09 -25.07
CA ASN A 87 -5.59 13.48 -25.26
C ASN A 87 -6.48 12.28 -25.61
N ASP A 88 -6.23 11.16 -24.96
CA ASP A 88 -7.01 9.93 -25.16
C ASP A 88 -8.40 10.15 -24.55
N ARG A 89 -9.37 10.52 -25.39
CA ARG A 89 -10.68 10.89 -24.86
C ARG A 89 -11.49 9.70 -24.36
N THR A 90 -10.96 8.48 -24.41
CA THR A 90 -11.64 7.33 -23.83
C THR A 90 -11.24 7.07 -22.38
N LEU A 91 -10.34 7.88 -21.82
CA LEU A 91 -9.86 7.71 -20.45
C LEU A 91 -10.76 8.49 -19.51
N ASP A 92 -11.43 7.78 -18.58
CA ASP A 92 -12.39 8.42 -17.70
C ASP A 92 -11.93 8.44 -16.24
N VAL A 93 -11.96 7.29 -15.57
CA VAL A 93 -11.66 7.19 -14.14
C VAL A 93 -10.34 6.46 -13.94
N MET A 94 -9.52 6.98 -13.05
CA MET A 94 -8.22 6.44 -12.71
C MET A 94 -8.05 6.17 -11.24
N ALA A 95 -7.54 5.00 -10.90
CA ALA A 95 -7.21 4.70 -9.51
C ALA A 95 -5.74 5.06 -9.29
N LEU A 96 -5.51 6.23 -8.71
CA LEU A 96 -4.16 6.78 -8.55
C LEU A 96 -3.56 6.34 -7.21
N ASP A 97 -2.30 5.90 -7.26
CA ASP A 97 -1.52 5.81 -6.03
C ASP A 97 -1.52 7.15 -5.32
N VAL A 98 -1.49 7.11 -3.99
CA VAL A 98 -1.59 8.33 -3.20
C VAL A 98 -0.45 9.31 -3.50
N VAL A 99 0.68 8.82 -4.04
CA VAL A 99 1.83 9.68 -4.25
C VAL A 99 1.72 10.53 -5.51
N TRP A 100 0.72 10.28 -6.36
CA TRP A 100 0.61 10.96 -7.64
C TRP A 100 -0.31 12.18 -7.62
N THR A 101 -1.08 12.36 -6.55
CA THR A 101 -2.02 13.48 -6.45
C THR A 101 -1.37 14.80 -6.89
N ALA A 102 -0.27 15.17 -6.21
CA ALA A 102 0.39 16.44 -6.47
C ALA A 102 0.67 16.63 -7.95
N GLU A 103 1.14 15.59 -8.64
CA GLU A 103 1.50 15.76 -10.03
C GLU A 103 0.27 15.85 -10.93
N PHE A 104 -0.76 15.06 -10.62
CA PHE A 104 -1.90 15.01 -11.52
C PHE A 104 -2.82 16.20 -11.32
N ALA A 105 -2.79 16.80 -10.12
CA ALA A 105 -3.53 18.02 -9.87
C ALA A 105 -2.83 19.22 -10.51
N GLU A 106 -1.52 19.35 -10.29
CA GLU A 106 -0.77 20.47 -10.83
C GLU A 106 -0.75 20.48 -12.36
N ALA A 107 -0.79 19.29 -12.96
CA ALA A 107 -0.75 19.19 -14.42
C ALA A 107 -2.09 19.45 -15.07
N GLY A 108 -3.18 19.46 -14.31
CA GLY A 108 -4.51 19.52 -14.87
C GLY A 108 -5.07 18.17 -15.26
N TRP A 109 -4.34 17.09 -15.01
CA TRP A 109 -4.76 15.77 -15.44
C TRP A 109 -5.94 15.26 -14.63
N ALA A 110 -5.90 15.45 -13.32
CA ALA A 110 -7.00 15.06 -12.43
C ALA A 110 -7.86 16.30 -12.20
N LEU A 111 -9.10 16.25 -12.66
CA LEU A 111 -10.01 17.36 -12.44
C LEU A 111 -10.32 17.47 -10.95
N PRO A 112 -10.42 18.68 -10.41
CA PRO A 112 -10.84 18.83 -9.02
C PRO A 112 -12.24 18.26 -8.85
N LEU A 113 -12.49 17.66 -7.69
CA LEU A 113 -13.83 17.17 -7.39
C LEU A 113 -14.88 18.26 -7.54
N SER A 114 -14.49 19.54 -7.44
CA SER A 114 -15.41 20.64 -7.64
C SER A 114 -15.83 20.78 -9.10
N ASP A 115 -15.18 20.07 -10.03
CA ASP A 115 -15.58 20.08 -11.42
C ASP A 115 -16.73 19.13 -11.72
N ASP A 116 -17.21 18.40 -10.72
CA ASP A 116 -18.42 17.59 -10.88
C ASP A 116 -19.55 18.48 -11.36
N PRO A 117 -20.16 18.20 -12.51
CA PRO A 117 -21.33 18.99 -12.92
C PRO A 117 -22.47 18.91 -11.91
N ALA A 118 -22.68 17.74 -11.32
CA ALA A 118 -23.71 17.58 -10.30
C ALA A 118 -23.31 18.17 -8.95
N GLY A 119 -22.05 18.52 -8.76
CA GLY A 119 -21.61 19.12 -7.51
C GLY A 119 -21.76 18.24 -6.30
N LEU A 120 -21.81 16.91 -6.48
CA LEU A 120 -21.95 15.96 -5.40
C LEU A 120 -20.63 15.29 -5.01
N ALA A 121 -19.54 15.56 -5.74
CA ALA A 121 -18.33 14.76 -5.61
C ALA A 121 -17.57 15.05 -4.32
N GLU A 122 -17.39 16.34 -3.99
CA GLU A 122 -16.63 16.72 -2.79
C GLU A 122 -17.30 16.20 -1.52
N ASN A 123 -18.61 16.43 -1.41
CA ASN A 123 -19.33 15.99 -0.22
C ASN A 123 -19.31 14.47 -0.09
N ASP A 124 -19.49 13.76 -1.20
CA ASP A 124 -19.36 12.31 -1.18
C ASP A 124 -17.98 11.88 -0.72
N ALA A 125 -16.94 12.54 -1.23
CA ALA A 125 -15.58 12.13 -0.91
C ALA A 125 -15.27 12.28 0.57
N VAL A 126 -15.69 13.41 1.17
CA VAL A 126 -15.33 13.63 2.57
C VAL A 126 -16.27 12.90 3.54
N ALA A 127 -17.46 12.50 3.10
CA ALA A 127 -18.42 11.88 4.01
C ALA A 127 -17.98 10.47 4.37
N ASP A 128 -17.96 10.17 5.67
CA ASP A 128 -17.61 8.85 6.19
C ASP A 128 -16.31 8.33 5.58
N THR A 129 -15.28 9.17 5.60
CA THR A 129 -13.98 8.80 5.05
C THR A 129 -12.88 9.22 6.02
N LEU A 130 -11.93 8.31 6.26
CA LEU A 130 -10.84 8.58 7.16
C LEU A 130 -10.04 9.81 6.69
N PRO A 131 -9.53 10.61 7.62
CA PRO A 131 -8.85 11.86 7.21
C PRO A 131 -7.50 11.66 6.56
N GLY A 132 -6.77 10.58 6.87
CA GLY A 132 -5.49 10.31 6.24
C GLY A 132 -5.57 10.10 4.74
N PRO A 133 -6.45 9.19 4.30
CA PRO A 133 -6.72 9.07 2.85
C PRO A 133 -7.11 10.40 2.21
N LEU A 134 -8.05 11.11 2.83
CA LEU A 134 -8.48 12.41 2.30
C LEU A 134 -7.30 13.35 2.14
N ALA A 135 -6.37 13.33 3.09
CA ALA A 135 -5.17 14.16 2.95
C ALA A 135 -4.34 13.72 1.75
N THR A 136 -4.23 12.41 1.53
CA THR A 136 -3.49 11.94 0.35
C THR A 136 -4.15 12.38 -0.94
N ALA A 137 -5.47 12.65 -0.93
CA ALA A 137 -6.19 13.00 -2.14
C ALA A 137 -6.28 14.49 -2.40
N GLY A 138 -5.56 15.33 -1.66
CA GLY A 138 -5.68 16.76 -1.79
C GLY A 138 -4.45 17.49 -2.32
N TRP A 139 -4.65 18.68 -2.86
CA TRP A 139 -3.54 19.50 -3.37
C TRP A 139 -4.00 20.96 -3.40
N ASN A 140 -3.16 21.84 -2.84
CA ASN A 140 -3.43 23.27 -2.78
C ASN A 140 -4.84 23.55 -2.25
N HIS A 141 -5.20 22.87 -1.16
CA HIS A 141 -6.45 23.04 -0.43
C HIS A 141 -7.67 22.56 -1.21
N LYS A 142 -7.50 21.76 -2.26
CA LYS A 142 -8.62 21.21 -3.00
C LYS A 142 -8.47 19.70 -3.12
N LEU A 143 -9.60 18.99 -3.06
CA LEU A 143 -9.62 17.57 -3.36
C LEU A 143 -9.55 17.38 -4.87
N TYR A 144 -8.64 16.52 -5.32
CA TYR A 144 -8.52 16.18 -6.73
C TYR A 144 -8.82 14.72 -6.99
N ALA A 145 -9.40 14.02 -6.01
CA ALA A 145 -9.66 12.59 -6.10
C ALA A 145 -10.52 12.21 -4.91
N ALA A 146 -11.22 11.09 -5.05
CA ALA A 146 -11.99 10.55 -3.93
C ALA A 146 -11.31 9.27 -3.46
N PRO A 147 -10.82 9.20 -2.22
CA PRO A 147 -10.16 7.97 -1.77
C PRO A 147 -11.09 6.78 -1.89
N VAL A 148 -10.57 5.66 -2.39
CA VAL A 148 -11.30 4.41 -2.42
C VAL A 148 -10.64 3.33 -1.57
N THR A 149 -9.31 3.22 -1.61
CA THR A 149 -8.63 2.27 -0.73
C THR A 149 -7.45 2.95 -0.08
N THR A 150 -7.11 2.50 1.12
CA THR A 150 -5.95 3.00 1.84
C THR A 150 -5.02 1.82 2.12
N ASN A 151 -3.88 2.10 2.76
CA ASN A 151 -2.90 1.04 3.00
C ASN A 151 -1.94 1.45 4.10
N THR A 152 -1.58 0.48 4.94
CA THR A 152 -0.56 0.63 5.95
C THR A 152 0.05 -0.75 6.19
N GLN A 153 1.35 -0.78 6.46
CA GLN A 153 2.06 -2.06 6.57
C GLN A 153 2.03 -2.56 8.01
N LEU A 154 1.78 -3.85 8.16
CA LEU A 154 1.81 -4.52 9.45
C LEU A 154 2.98 -5.49 9.51
N LEU A 155 3.21 -6.00 10.72
CA LEU A 155 4.15 -7.09 10.93
C LEU A 155 3.41 -8.42 10.90
N TRP A 156 3.96 -9.39 10.18
CA TRP A 156 3.39 -10.72 10.04
C TRP A 156 4.46 -11.73 10.46
N TYR A 157 4.09 -12.61 11.39
CA TYR A 157 5.06 -13.51 11.98
C TYR A 157 4.48 -14.91 12.11
N ARG A 158 5.38 -15.88 12.29
CA ARG A 158 5.04 -17.28 12.54
C ARG A 158 4.99 -17.50 14.05
N PRO A 159 3.82 -17.44 14.67
CA PRO A 159 3.74 -17.63 16.13
C PRO A 159 4.26 -18.97 16.61
N ASP A 160 4.42 -19.95 15.71
CA ASP A 160 4.95 -21.24 16.08
C ASP A 160 6.47 -21.25 16.13
N LEU A 161 7.13 -20.28 15.50
CA LEU A 161 8.58 -20.14 15.57
C LEU A 161 9.03 -18.92 16.34
N VAL A 162 8.13 -17.99 16.63
CA VAL A 162 8.46 -16.73 17.29
C VAL A 162 7.50 -16.56 18.45
N ASN A 163 8.00 -16.71 19.68
CA ASN A 163 7.13 -16.72 20.85
C ASN A 163 6.55 -15.35 21.16
N SER A 164 7.10 -14.28 20.59
CA SER A 164 6.56 -12.95 20.77
C SER A 164 6.98 -12.09 19.60
N PRO A 165 6.04 -11.41 18.94
CA PRO A 165 6.40 -10.57 17.81
C PRO A 165 7.21 -9.36 18.27
N PRO A 166 8.35 -9.11 17.63
CA PRO A 166 9.19 -7.99 18.07
C PRO A 166 8.52 -6.65 17.87
N THR A 167 8.67 -5.78 18.88
CA THR A 167 8.02 -4.48 18.90
C THR A 167 8.89 -3.35 18.36
N ASP A 168 10.16 -3.61 18.03
CA ASP A 168 10.99 -2.59 17.40
C ASP A 168 12.01 -3.29 16.50
N TRP A 169 12.78 -2.48 15.78
CA TRP A 169 13.62 -3.03 14.71
C TRP A 169 14.86 -3.75 15.25
N ASN A 170 15.44 -3.29 16.35
CA ASN A 170 16.54 -4.05 16.93
C ASN A 170 16.04 -5.37 17.50
N ALA A 171 14.79 -5.41 17.97
CA ALA A 171 14.17 -6.67 18.34
C ALA A 171 13.95 -7.55 17.12
N MET A 172 13.57 -6.93 15.99
CA MET A 172 13.50 -7.67 14.72
C MET A 172 14.81 -8.36 14.42
N ILE A 173 15.91 -7.59 14.49
CA ILE A 173 17.23 -8.12 14.18
C ILE A 173 17.62 -9.22 15.16
N ALA A 174 17.35 -9.02 16.44
CA ALA A 174 17.69 -10.03 17.44
C ALA A 174 16.93 -11.32 17.20
N GLU A 175 15.64 -11.23 16.92
CA GLU A 175 14.84 -12.42 16.64
C GLU A 175 15.32 -13.12 15.38
N ALA A 176 15.69 -12.36 14.36
CA ALA A 176 16.20 -12.96 13.13
C ALA A 176 17.49 -13.73 13.41
N ALA A 177 18.40 -13.12 14.18
CA ALA A 177 19.65 -13.80 14.52
C ALA A 177 19.38 -15.07 15.33
N ARG A 178 18.47 -15.00 16.30
CA ARG A 178 18.19 -16.16 17.13
C ARG A 178 17.55 -17.28 16.32
N LEU A 179 16.66 -16.93 15.37
CA LEU A 179 16.09 -17.93 14.48
C LEU A 179 17.18 -18.55 13.61
N HIS A 180 18.13 -17.75 13.16
CA HIS A 180 19.26 -18.28 12.41
C HIS A 180 20.06 -19.27 13.26
N ALA A 181 20.23 -18.97 14.54
CA ALA A 181 20.93 -19.86 15.47
C ALA A 181 20.06 -21.05 15.85
N ALA A 182 19.14 -21.45 14.96
CA ALA A 182 18.31 -22.62 15.22
C ALA A 182 17.85 -23.30 13.93
N GLY A 183 18.51 -23.03 12.80
CA GLY A 183 18.10 -23.58 11.53
C GLY A 183 16.75 -23.13 11.02
N GLU A 184 16.00 -22.36 11.80
CA GLU A 184 14.69 -21.87 11.40
C GLU A 184 14.85 -20.73 10.38
N PRO A 185 13.81 -20.47 9.59
CA PRO A 185 13.91 -19.43 8.55
C PRO A 185 14.24 -18.07 9.15
N SER A 186 15.26 -17.43 8.57
CA SER A 186 15.89 -16.28 9.19
C SER A 186 15.65 -14.97 8.46
N TRP A 187 15.02 -15.02 7.28
CA TRP A 187 14.76 -13.80 6.53
C TRP A 187 13.81 -12.89 7.28
N ILE A 188 13.99 -11.58 7.07
CA ILE A 188 13.07 -10.51 7.55
C ILE A 188 12.46 -9.99 6.25
N ALA A 189 11.35 -10.60 5.80
CA ALA A 189 10.83 -10.32 4.49
C ALA A 189 10.18 -9.00 4.36
N VAL A 190 10.79 -8.12 3.60
CA VAL A 190 10.26 -6.80 3.40
C VAL A 190 10.15 -6.67 1.93
N GLN A 191 9.07 -6.09 1.43
CA GLN A 191 8.91 -5.90 0.00
C GLN A 191 9.65 -4.69 -0.42
N ALA A 192 10.93 -4.77 -0.57
CA ALA A 192 11.69 -3.65 -0.94
C ALA A 192 12.76 -4.16 -1.78
N ASN A 193 12.61 -3.89 -3.04
CA ASN A 193 13.55 -4.32 -3.97
C ASN A 193 14.30 -3.11 -4.27
N GLN A 194 14.06 -2.52 -5.41
CA GLN A 194 14.78 -1.35 -5.74
C GLN A 194 13.88 -0.29 -6.26
N GLY A 195 12.67 -0.27 -5.79
CA GLY A 195 11.73 0.74 -6.21
C GLY A 195 10.97 1.39 -5.08
N GLU A 196 9.69 1.66 -5.35
CA GLU A 196 8.77 2.35 -4.40
C GLU A 196 8.77 1.67 -3.03
N GLY A 197 8.70 0.33 -2.96
CA GLY A 197 8.63 -0.31 -1.67
C GLY A 197 9.83 0.01 -0.80
N LEU A 198 11.01 0.12 -1.41
CA LEU A 198 12.20 0.51 -0.68
C LEU A 198 12.08 1.94 -0.16
N VAL A 199 11.56 2.84 -0.99
CA VAL A 199 11.35 4.22 -0.57
C VAL A 199 10.33 4.29 0.56
N VAL A 200 9.32 3.40 0.54
CA VAL A 200 8.34 3.38 1.62
C VAL A 200 8.98 2.89 2.91
N TRP A 201 9.80 1.84 2.84
CA TRP A 201 10.55 1.39 4.00
C TRP A 201 11.37 2.52 4.58
N PHE A 202 12.13 3.22 3.73
CA PHE A 202 12.99 4.30 4.20
C PHE A 202 12.16 5.42 4.81
N ASN A 203 11.04 5.80 4.16
CA ASN A 203 10.23 6.91 4.66
C ASN A 203 9.60 6.58 6.00
N THR A 204 9.12 5.34 6.17
CA THR A 204 8.61 4.91 7.46
C THR A 204 9.69 5.04 8.52
N LEU A 205 10.88 4.48 8.27
CA LEU A 205 11.95 4.54 9.25
C LEU A 205 12.35 5.98 9.57
N LEU A 206 12.42 6.82 8.54
CA LEU A 206 12.85 8.20 8.71
C LEU A 206 11.84 9.01 9.52
N VAL A 207 10.57 9.02 9.08
CA VAL A 207 9.54 9.76 9.81
C VAL A 207 9.40 9.23 11.22
N SER A 208 9.49 7.90 11.39
CA SER A 208 9.43 7.30 12.70
C SER A 208 10.63 7.66 13.55
N ALA A 209 11.73 8.10 12.93
CA ALA A 209 12.87 8.63 13.65
C ALA A 209 12.82 10.15 13.82
N GLY A 210 11.69 10.78 13.49
CA GLY A 210 11.56 12.22 13.60
C GLY A 210 12.02 13.03 12.40
N GLY A 211 12.36 12.39 11.28
CA GLY A 211 12.86 13.07 10.12
C GLY A 211 11.84 13.14 9.00
N SER A 212 12.30 13.66 7.86
CA SER A 212 11.42 13.90 6.72
C SER A 212 12.27 14.17 5.49
N VAL A 213 11.77 13.76 4.32
CA VAL A 213 12.53 13.94 3.10
C VAL A 213 12.49 15.41 2.67
N LEU A 214 11.30 16.01 2.63
CA LEU A 214 11.13 17.38 2.17
C LEU A 214 10.50 18.24 3.25
N SER A 215 10.68 19.56 3.10
CA SER A 215 9.99 20.56 3.92
C SER A 215 8.48 20.40 3.78
N GLU A 216 7.73 21.18 4.55
CA GLU A 216 6.26 21.14 4.46
C GLU A 216 5.81 21.48 3.03
N ASP A 217 6.22 22.65 2.53
CA ASP A 217 5.83 23.10 1.19
C ASP A 217 6.47 22.30 0.06
N GLY A 218 7.34 21.33 0.36
CA GLY A 218 8.00 20.58 -0.69
C GLY A 218 9.09 21.32 -1.43
N ARG A 219 9.47 22.51 -0.97
CA ARG A 219 10.45 23.32 -1.68
C ARG A 219 11.89 23.09 -1.22
N HIS A 220 12.10 22.41 -0.09
CA HIS A 220 13.44 22.25 0.46
C HIS A 220 13.69 20.80 0.88
N VAL A 221 14.94 20.38 0.76
CA VAL A 221 15.35 19.05 1.22
C VAL A 221 15.68 19.12 2.70
N THR A 222 15.07 18.25 3.49
CA THR A 222 15.23 18.27 4.94
C THR A 222 15.81 16.96 5.47
N LEU A 223 16.66 16.30 4.67
CA LEU A 223 17.26 15.05 5.11
C LEU A 223 18.48 15.28 5.98
N THR A 224 19.25 16.35 5.71
CA THR A 224 20.49 16.62 6.44
C THR A 224 20.65 18.10 6.77
N ASP A 225 19.55 18.85 6.87
CA ASP A 225 19.65 20.30 6.98
C ASP A 225 19.74 20.81 8.42
N THR A 226 19.39 19.98 9.40
CA THR A 226 19.65 20.26 10.82
C THR A 226 20.23 19.01 11.45
N PRO A 227 20.87 19.14 12.62
CA PRO A 227 21.39 17.95 13.30
C PRO A 227 20.32 16.93 13.67
N ALA A 228 19.12 17.36 14.08
CA ALA A 228 18.05 16.41 14.35
C ALA A 228 17.63 15.67 13.10
N HIS A 229 17.47 16.39 11.98
CA HIS A 229 17.09 15.75 10.73
C HIS A 229 18.17 14.78 10.26
N ARG A 230 19.44 15.22 10.33
CA ARG A 230 20.54 14.35 9.93
C ARG A 230 20.59 13.09 10.79
N ALA A 231 20.41 13.25 12.10
CA ALA A 231 20.38 12.10 13.01
C ALA A 231 19.27 11.14 12.63
N ALA A 232 18.09 11.66 12.29
CA ALA A 232 16.97 10.79 11.90
C ALA A 232 17.30 10.00 10.65
N THR A 233 17.83 10.69 9.62
CA THR A 233 18.21 10.00 8.39
C THR A 233 19.27 8.94 8.65
N VAL A 234 20.27 9.27 9.47
CA VAL A 234 21.34 8.32 9.77
C VAL A 234 20.79 7.10 10.47
N SER A 235 19.89 7.30 11.45
CA SER A 235 19.29 6.16 12.15
C SER A 235 18.53 5.26 11.19
N ALA A 236 17.75 5.87 10.28
CA ALA A 236 16.97 5.06 9.34
C ALA A 236 17.89 4.24 8.43
N LEU A 237 18.93 4.89 7.89
CA LEU A 237 19.91 4.17 7.08
C LEU A 237 20.59 3.06 7.88
N GLN A 238 20.84 3.30 9.17
CA GLN A 238 21.49 2.30 9.99
C GLN A 238 20.60 1.08 10.16
N ILE A 239 19.31 1.29 10.36
CA ILE A 239 18.39 0.17 10.45
C ILE A 239 18.36 -0.62 9.14
N LEU A 240 18.31 0.10 8.01
CA LEU A 240 18.30 -0.58 6.71
C LEU A 240 19.54 -1.46 6.55
N LYS A 241 20.72 -0.90 6.84
CA LYS A 241 21.96 -1.65 6.69
C LYS A 241 22.02 -2.85 7.63
N SER A 242 21.54 -2.67 8.87
CA SER A 242 21.61 -3.75 9.83
C SER A 242 20.66 -4.90 9.48
N VAL A 243 19.47 -4.58 8.94
CA VAL A 243 18.60 -5.64 8.44
C VAL A 243 19.22 -6.29 7.21
N ALA A 244 19.92 -5.51 6.38
CA ALA A 244 20.53 -6.05 5.18
C ALA A 244 21.63 -7.05 5.49
N THR A 245 22.37 -6.84 6.59
CA THR A 245 23.54 -7.64 6.90
C THR A 245 23.36 -8.49 8.16
N THR A 246 22.13 -8.89 8.47
CA THR A 246 21.83 -9.69 9.65
C THR A 246 21.92 -11.18 9.32
N PRO A 247 22.52 -11.99 10.22
CA PRO A 247 22.70 -13.43 9.95
C PRO A 247 21.53 -14.10 9.25
N GLY A 248 21.82 -14.76 8.13
CA GLY A 248 20.78 -15.43 7.37
C GLY A 248 19.81 -14.48 6.71
N ALA A 249 20.32 -13.39 6.14
CA ALA A 249 19.45 -12.41 5.52
C ALA A 249 19.08 -12.85 4.10
N ASP A 250 18.28 -12.03 3.49
CA ASP A 250 17.82 -12.24 2.15
C ASP A 250 18.90 -12.16 1.07
N PRO A 251 19.14 -13.25 0.33
CA PRO A 251 19.98 -13.08 -0.87
C PRO A 251 19.24 -12.51 -2.07
N SER A 252 17.98 -12.09 -1.89
CA SER A 252 17.22 -11.39 -2.90
C SER A 252 17.38 -9.87 -2.81
N ILE A 253 18.16 -9.37 -1.85
CA ILE A 253 18.44 -7.94 -1.78
C ILE A 253 19.62 -7.54 -2.65
N THR A 254 20.56 -8.46 -2.89
CA THR A 254 21.82 -8.16 -3.54
C THR A 254 21.78 -8.31 -5.06
N ARG A 255 20.60 -8.16 -5.67
CA ARG A 255 20.45 -8.18 -7.13
C ARG A 255 19.05 -7.66 -7.46
N THR A 256 18.66 -7.79 -8.74
CA THR A 256 17.59 -7.01 -9.34
C THR A 256 16.23 -7.69 -9.31
N GLU A 257 16.17 -9.01 -9.12
CA GLU A 257 14.93 -9.73 -9.40
C GLU A 257 13.83 -9.31 -8.43
N GLU A 258 12.76 -8.76 -9.00
CA GLU A 258 11.56 -8.43 -8.26
C GLU A 258 11.04 -9.65 -7.51
N GLY A 259 11.58 -9.91 -6.33
CA GLY A 259 11.06 -10.95 -5.46
C GLY A 259 9.88 -10.46 -4.64
N SER A 260 9.11 -11.42 -4.10
CA SER A 260 7.89 -11.12 -3.36
C SER A 260 8.09 -11.54 -1.92
N ALA A 261 8.00 -10.59 -0.98
CA ALA A 261 8.09 -10.94 0.42
C ALA A 261 6.89 -11.77 0.86
N ARG A 262 5.73 -11.49 0.26
CA ARG A 262 4.53 -12.27 0.54
C ARG A 262 4.75 -13.75 0.23
N LEU A 263 5.17 -14.05 -0.99
CA LEU A 263 5.41 -15.44 -1.38
C LEU A 263 6.57 -16.05 -0.61
N ALA A 264 7.59 -15.25 -0.27
CA ALA A 264 8.67 -15.74 0.58
C ALA A 264 8.13 -16.23 1.91
N PHE A 265 7.25 -15.45 2.55
CA PHE A 265 6.66 -15.89 3.81
C PHE A 265 5.76 -17.10 3.62
N GLU A 266 4.96 -17.10 2.55
CA GLU A 266 4.06 -18.22 2.28
C GLU A 266 4.81 -19.49 1.91
N GLN A 267 6.07 -19.39 1.49
CA GLN A 267 6.88 -20.55 1.17
C GLN A 267 7.76 -20.99 2.34
N GLY A 268 7.57 -20.40 3.52
CA GLY A 268 8.33 -20.79 4.69
C GLY A 268 9.77 -20.32 4.70
N LYS A 269 10.17 -19.42 3.79
CA LYS A 269 11.53 -18.92 3.79
C LYS A 269 11.76 -17.83 4.83
N ALA A 270 10.70 -17.19 5.30
CA ALA A 270 10.79 -16.11 6.27
C ALA A 270 9.76 -16.32 7.37
N ALA A 271 10.16 -16.03 8.61
CA ALA A 271 9.26 -16.05 9.75
C ALA A 271 8.92 -14.64 10.24
N LEU A 272 9.43 -13.61 9.57
CA LEU A 272 9.10 -12.23 9.86
C LEU A 272 8.93 -11.50 8.55
N GLU A 273 7.84 -10.74 8.43
CA GLU A 273 7.55 -10.00 7.21
C GLU A 273 6.88 -8.70 7.61
N VAL A 274 7.22 -7.60 6.94
CA VAL A 274 6.43 -6.38 7.02
C VAL A 274 5.82 -6.15 5.66
N ASN A 275 4.50 -5.98 5.63
CA ASN A 275 3.82 -5.94 4.34
C ASN A 275 2.43 -5.34 4.53
N TRP A 276 1.86 -4.90 3.42
CA TRP A 276 0.50 -4.42 3.39
C TRP A 276 -0.45 -5.56 3.75
N PRO A 277 -1.65 -5.24 4.26
CA PRO A 277 -2.50 -6.28 4.85
C PRO A 277 -3.15 -7.22 3.85
N PHE A 278 -2.99 -7.00 2.54
CA PHE A 278 -3.54 -7.95 1.57
C PHE A 278 -2.96 -9.35 1.76
N VAL A 279 -1.75 -9.45 2.31
CA VAL A 279 -1.15 -10.75 2.56
C VAL A 279 -1.99 -11.60 3.50
N PHE A 280 -2.90 -10.98 4.27
CA PHE A 280 -3.83 -11.79 5.04
C PHE A 280 -4.72 -12.60 4.10
N ALA A 281 -5.45 -11.91 3.22
CA ALA A 281 -6.34 -12.59 2.29
C ALA A 281 -5.59 -13.64 1.50
N SER A 282 -4.48 -13.22 0.87
CA SER A 282 -3.61 -14.15 0.15
C SER A 282 -3.29 -15.39 0.97
N MET A 283 -2.85 -15.20 2.23
CA MET A 283 -2.44 -16.35 3.01
C MET A 283 -3.60 -17.32 3.19
N LEU A 284 -4.79 -16.80 3.45
CA LEU A 284 -5.93 -17.70 3.60
C LEU A 284 -6.28 -18.34 2.27
N GLU A 285 -6.17 -17.58 1.18
CA GLU A 285 -6.58 -18.07 -0.12
C GLU A 285 -5.61 -19.14 -0.63
N ASN A 286 -4.32 -18.81 -0.66
CA ASN A 286 -3.34 -19.74 -1.20
C ASN A 286 -3.18 -20.96 -0.30
N ALA A 287 -3.42 -20.83 1.00
CA ALA A 287 -3.43 -22.01 1.85
C ALA A 287 -4.57 -22.94 1.51
N VAL A 288 -5.70 -22.41 1.04
CA VAL A 288 -6.82 -23.28 0.65
C VAL A 288 -6.54 -23.91 -0.70
N LYS A 289 -5.90 -23.18 -1.60
CA LYS A 289 -5.46 -23.74 -2.88
C LYS A 289 -4.29 -24.70 -2.74
N GLY A 290 -3.79 -24.93 -1.52
CA GLY A 290 -2.68 -25.84 -1.31
C GLY A 290 -1.30 -25.26 -1.46
N GLY A 291 -1.17 -23.92 -1.51
CA GLY A 291 0.10 -23.28 -1.77
C GLY A 291 0.89 -22.82 -0.56
N VAL A 292 0.53 -23.24 0.65
CA VAL A 292 1.27 -22.86 1.85
C VAL A 292 1.67 -24.13 2.60
N PRO A 293 2.95 -24.51 2.60
CA PRO A 293 3.33 -25.82 3.17
C PRO A 293 2.99 -25.98 4.64
N PHE A 294 3.22 -24.95 5.46
CA PHE A 294 2.99 -25.06 6.89
C PHE A 294 1.54 -24.83 7.30
N LEU A 295 0.64 -24.64 6.33
CA LEU A 295 -0.77 -24.36 6.62
C LEU A 295 -1.61 -25.10 5.59
N PRO A 296 -1.90 -26.38 5.85
CA PRO A 296 -2.58 -27.22 4.84
C PRO A 296 -4.11 -27.09 4.92
N LEU A 297 -4.61 -25.88 4.66
CA LEU A 297 -6.06 -25.67 4.66
C LEU A 297 -6.72 -26.48 3.55
N ASN A 298 -5.99 -26.78 2.48
CA ASN A 298 -6.50 -27.59 1.39
C ASN A 298 -6.93 -28.98 1.85
N ARG A 299 -6.42 -29.46 2.98
CA ARG A 299 -6.69 -30.80 3.48
C ARG A 299 -7.81 -30.82 4.49
N ILE A 300 -8.54 -29.73 4.67
CA ILE A 300 -9.71 -29.67 5.52
C ILE A 300 -10.94 -29.86 4.63
N PRO A 301 -11.72 -30.94 4.81
CA PRO A 301 -12.88 -31.16 3.93
C PRO A 301 -13.88 -30.02 3.94
N GLN A 302 -14.07 -29.35 5.07
CA GLN A 302 -15.11 -28.32 5.18
C GLN A 302 -14.81 -27.09 4.34
N LEU A 303 -13.56 -26.88 3.94
CA LEU A 303 -13.20 -25.75 3.11
C LEU A 303 -13.19 -26.09 1.62
N ALA A 304 -13.51 -27.35 1.26
CA ALA A 304 -13.64 -27.69 -0.15
C ALA A 304 -14.72 -26.84 -0.81
N GLY A 305 -14.40 -26.30 -1.97
CA GLY A 305 -15.33 -25.42 -2.66
C GLY A 305 -15.36 -23.99 -2.15
N SER A 306 -14.60 -23.67 -1.09
CA SER A 306 -14.55 -22.29 -0.63
C SER A 306 -13.91 -21.35 -1.64
N ILE A 307 -13.10 -21.88 -2.56
CA ILE A 307 -12.63 -21.12 -3.70
C ILE A 307 -13.75 -21.03 -4.73
N ASN A 308 -13.97 -19.84 -5.28
CA ASN A 308 -15.04 -19.62 -6.24
C ASN A 308 -14.51 -19.73 -7.67
N ASP A 309 -15.44 -19.71 -8.63
CA ASP A 309 -15.11 -20.08 -10.00
C ASP A 309 -14.10 -19.15 -10.66
N ILE A 310 -13.92 -17.94 -10.11
CA ILE A 310 -12.88 -17.04 -10.59
C ILE A 310 -11.63 -17.12 -9.72
N GLY A 311 -11.58 -18.06 -8.79
CA GLY A 311 -10.39 -18.30 -8.01
C GLY A 311 -10.29 -17.54 -6.70
N THR A 312 -11.34 -16.81 -6.32
CA THR A 312 -11.32 -15.98 -5.11
C THR A 312 -11.84 -16.77 -3.92
N PHE A 313 -11.09 -16.76 -2.82
CA PHE A 313 -11.53 -17.36 -1.58
C PHE A 313 -12.75 -16.63 -1.04
N THR A 314 -13.92 -17.26 -1.12
CA THR A 314 -15.18 -16.67 -0.65
C THR A 314 -15.81 -17.61 0.38
N PRO A 315 -15.26 -17.67 1.59
CA PRO A 315 -15.78 -18.61 2.58
C PRO A 315 -17.13 -18.18 3.11
N SER A 316 -17.86 -19.16 3.62
CA SER A 316 -18.97 -18.89 4.50
C SER A 316 -18.44 -18.48 5.88
N ASP A 317 -19.34 -18.11 6.77
CA ASP A 317 -18.94 -17.69 8.12
C ASP A 317 -18.20 -18.81 8.83
N GLU A 318 -18.77 -20.01 8.84
CA GLU A 318 -18.13 -21.15 9.50
C GLU A 318 -16.79 -21.50 8.83
N GLN A 319 -16.75 -21.47 7.50
CA GLN A 319 -15.51 -21.75 6.80
C GLN A 319 -14.45 -20.72 7.15
N PHE A 320 -14.85 -19.46 7.31
CA PHE A 320 -13.89 -18.44 7.71
C PHE A 320 -13.39 -18.67 9.12
N ARG A 321 -14.28 -19.04 10.05
CA ARG A 321 -13.82 -19.36 11.40
C ARG A 321 -12.80 -20.49 11.36
N ILE A 322 -13.09 -21.54 10.58
CA ILE A 322 -12.17 -22.68 10.48
C ILE A 322 -10.82 -22.23 9.95
N ALA A 323 -10.83 -21.53 8.81
CA ALA A 323 -9.58 -21.13 8.18
C ALA A 323 -8.79 -20.18 9.07
N TYR A 324 -9.46 -19.22 9.71
CA TYR A 324 -8.77 -18.24 10.52
C TYR A 324 -8.20 -18.88 11.79
N ASP A 325 -8.99 -19.74 12.46
CA ASP A 325 -8.50 -20.37 13.68
C ASP A 325 -7.37 -21.35 13.40
N ALA A 326 -7.36 -21.95 12.19
CA ALA A 326 -6.20 -22.76 11.81
C ALA A 326 -5.00 -21.90 11.47
N SER A 327 -5.23 -20.79 10.75
CA SER A 327 -4.14 -19.88 10.40
C SER A 327 -3.46 -19.31 11.62
N GLN A 328 -4.21 -19.09 12.70
CA GLN A 328 -3.67 -18.39 13.85
C GLN A 328 -2.57 -19.17 14.58
N GLN A 329 -2.33 -20.40 14.15
CA GLN A 329 -1.29 -21.26 14.79
C GLN A 329 0.06 -21.09 14.08
N VAL A 330 0.05 -20.55 12.86
CA VAL A 330 1.26 -20.33 12.07
C VAL A 330 1.32 -18.95 11.44
N PHE A 331 0.34 -18.09 11.69
CA PHE A 331 0.26 -16.78 11.04
C PHE A 331 -0.37 -15.78 12.01
N GLY A 332 0.39 -14.76 12.38
CA GLY A 332 -0.11 -13.71 13.23
C GLY A 332 0.31 -12.35 12.71
N PHE A 333 -0.42 -11.33 13.15
CA PHE A 333 -0.14 -9.95 12.78
C PHE A 333 0.08 -9.11 14.03
N ALA A 334 0.83 -8.03 13.87
CA ALA A 334 1.22 -7.15 14.96
C ALA A 334 1.51 -5.77 14.39
N PRO A 335 1.59 -4.74 15.24
CA PRO A 335 1.94 -3.41 14.73
C PRO A 335 3.29 -3.42 14.02
N TYR A 336 3.46 -2.46 13.14
CA TYR A 336 4.75 -2.27 12.49
C TYR A 336 5.81 -2.00 13.55
N PRO A 337 6.99 -2.61 13.43
CA PRO A 337 8.02 -2.44 14.47
C PRO A 337 8.48 -1.00 14.59
N ALA A 338 8.54 -0.49 15.82
CA ALA A 338 8.98 0.88 16.03
C ALA A 338 10.48 1.01 15.81
N VAL A 339 10.95 2.26 15.71
CA VAL A 339 12.36 2.56 15.74
C VAL A 339 12.77 3.17 17.09
N ALA A 340 11.97 4.10 17.61
CA ALA A 340 12.14 4.63 18.96
C ALA A 340 11.35 3.77 19.93
N PRO A 341 12.02 2.90 20.70
CA PRO A 341 11.29 1.98 21.59
C PRO A 341 10.49 2.76 22.63
N GLY A 342 9.29 2.25 22.92
CA GLY A 342 8.39 2.90 23.83
C GLY A 342 7.28 3.71 23.18
N GLN A 343 7.26 3.81 21.86
CA GLN A 343 6.25 4.57 21.15
C GLN A 343 6.05 3.95 19.77
N PRO A 344 4.80 3.84 19.30
CA PRO A 344 4.57 3.23 17.99
C PRO A 344 5.29 3.98 16.87
N ALA A 345 5.39 3.32 15.72
CA ALA A 345 6.02 3.91 14.56
C ALA A 345 5.03 4.79 13.81
N LYS A 346 5.57 5.65 12.95
CA LYS A 346 4.78 6.38 11.96
C LYS A 346 4.93 5.64 10.64
N VAL A 347 3.91 4.86 10.28
CA VAL A 347 3.95 3.97 9.14
C VAL A 347 3.46 4.72 7.90
N THR A 348 4.20 4.60 6.80
CA THR A 348 3.89 5.31 5.57
C THR A 348 2.54 4.86 5.00
N ILE A 349 1.63 5.82 4.83
CA ILE A 349 0.33 5.54 4.23
C ILE A 349 0.48 5.31 2.74
N GLY A 350 -0.32 4.38 2.21
CA GLY A 350 -0.44 4.17 0.77
C GLY A 350 -1.89 4.02 0.37
N GLY A 351 -2.16 3.64 -0.88
CA GLY A 351 -3.51 3.31 -1.28
C GLY A 351 -3.84 3.85 -2.66
N LEU A 352 -5.14 4.02 -2.90
CA LEU A 352 -5.67 4.39 -4.21
C LEU A 352 -6.81 5.39 -4.03
N ASN A 353 -6.74 6.48 -4.79
CA ASN A 353 -7.75 7.53 -4.85
C ASN A 353 -8.35 7.56 -6.25
N LEU A 354 -9.68 7.66 -6.33
CA LEU A 354 -10.36 7.73 -7.63
C LEU A 354 -10.34 9.15 -8.16
N ALA A 355 -9.69 9.36 -9.29
CA ALA A 355 -9.66 10.65 -9.96
C ALA A 355 -10.36 10.55 -11.30
N VAL A 356 -10.93 11.66 -11.76
CA VAL A 356 -11.57 11.72 -13.07
C VAL A 356 -10.62 12.42 -14.03
N ALA A 357 -10.32 11.75 -15.15
CA ALA A 357 -9.37 12.30 -16.11
C ALA A 357 -9.94 13.53 -16.79
N LYS A 358 -9.07 14.50 -17.05
CA LYS A 358 -9.48 15.69 -17.80
C LYS A 358 -9.79 15.38 -19.25
N THR A 359 -9.50 14.16 -19.71
CA THR A 359 -9.80 13.74 -21.07
C THR A 359 -11.23 13.27 -21.24
N THR A 360 -11.93 12.96 -20.14
CA THR A 360 -13.24 12.32 -20.24
C THR A 360 -14.22 13.15 -21.06
N ARG A 361 -15.19 12.46 -21.66
CA ARG A 361 -16.24 13.09 -22.44
C ARG A 361 -17.53 13.24 -21.66
N HIS A 362 -17.64 12.58 -20.51
CA HIS A 362 -18.86 12.59 -19.69
C HIS A 362 -18.43 12.71 -18.22
N ARG A 363 -18.15 13.94 -17.81
CA ARG A 363 -17.78 14.21 -16.43
C ARG A 363 -18.83 13.71 -15.45
N ALA A 364 -20.11 13.98 -15.76
CA ALA A 364 -21.20 13.59 -14.87
C ALA A 364 -21.16 12.11 -14.54
N GLU A 365 -21.15 11.27 -15.58
CA GLU A 365 -21.13 9.83 -15.37
C GLU A 365 -19.84 9.37 -14.71
N ALA A 366 -18.71 10.03 -15.00
CA ALA A 366 -17.45 9.64 -14.38
C ALA A 366 -17.51 9.83 -12.87
N PHE A 367 -17.97 11.01 -12.44
CA PHE A 367 -18.10 11.29 -11.01
C PHE A 367 -19.14 10.40 -10.35
N GLU A 368 -20.26 10.15 -11.04
CA GLU A 368 -21.27 9.23 -10.52
C GLU A 368 -20.68 7.83 -10.31
N ALA A 369 -19.94 7.33 -11.29
CA ALA A 369 -19.30 6.03 -11.17
C ALA A 369 -18.29 6.04 -10.02
N VAL A 370 -17.58 7.15 -9.83
CA VAL A 370 -16.66 7.28 -8.71
C VAL A 370 -17.41 7.08 -7.40
N ARG A 371 -18.57 7.75 -7.25
CA ARG A 371 -19.36 7.63 -6.03
C ARG A 371 -19.85 6.20 -5.82
N CYS A 372 -20.21 5.52 -6.91
CA CYS A 372 -20.74 4.14 -6.84
C CYS A 372 -19.63 3.14 -6.48
N LEU A 373 -18.43 3.34 -7.05
CA LEU A 373 -17.29 2.46 -6.83
C LEU A 373 -16.84 2.45 -5.37
N ARG A 374 -17.10 3.52 -4.61
CA ARG A 374 -16.60 3.65 -3.27
C ARG A 374 -17.69 3.55 -2.20
N ASP A 375 -18.85 3.01 -2.55
CA ASP A 375 -19.95 2.98 -1.59
C ASP A 375 -19.69 1.90 -0.55
N GLN A 376 -20.57 1.85 0.46
CA GLN A 376 -20.35 0.99 1.63
C GLN A 376 -20.17 -0.47 1.24
N HIS A 377 -21.02 -0.96 0.34
CA HIS A 377 -21.00 -2.38 -0.05
C HIS A 377 -19.71 -2.71 -0.79
N ASN A 378 -19.32 -1.88 -1.75
CA ASN A 378 -18.10 -2.14 -2.50
C ASN A 378 -16.85 -1.92 -1.66
N GLN A 379 -16.94 -1.09 -0.61
CA GLN A 379 -15.83 -0.97 0.33
C GLN A 379 -15.67 -2.24 1.14
N ARG A 380 -16.77 -2.75 1.69
CA ARG A 380 -16.75 -4.04 2.37
C ARG A 380 -16.10 -5.10 1.47
N TYR A 381 -16.50 -5.13 0.20
CA TYR A 381 -15.96 -6.12 -0.72
C TYR A 381 -14.48 -5.91 -0.97
N VAL A 382 -14.07 -4.68 -1.31
CA VAL A 382 -12.67 -4.42 -1.65
C VAL A 382 -11.77 -4.75 -0.48
N SER A 383 -12.30 -4.69 0.74
CA SER A 383 -11.48 -5.04 1.89
C SER A 383 -11.45 -6.55 2.11
N LEU A 384 -12.62 -7.20 2.14
CA LEU A 384 -12.63 -8.61 2.53
C LEU A 384 -12.15 -9.52 1.42
N GLU A 385 -12.71 -9.36 0.20
CA GLU A 385 -12.26 -10.20 -0.91
C GLU A 385 -10.97 -9.68 -1.53
N GLY A 386 -10.88 -8.37 -1.75
CA GLY A 386 -9.72 -7.80 -2.44
C GLY A 386 -8.50 -7.56 -1.58
N GLY A 387 -8.61 -7.68 -0.25
CA GLY A 387 -7.48 -7.44 0.62
C GLY A 387 -7.04 -6.00 0.78
N LEU A 388 -7.78 -5.04 0.21
CA LEU A 388 -7.35 -3.64 0.25
C LEU A 388 -8.10 -2.90 1.36
N PRO A 389 -7.40 -2.26 2.30
CA PRO A 389 -8.10 -1.54 3.38
C PRO A 389 -9.05 -0.49 2.84
N ALA A 390 -10.26 -0.46 3.42
CA ALA A 390 -11.27 0.51 3.02
C ALA A 390 -10.96 1.87 3.63
N VAL A 391 -11.53 2.91 3.03
CA VAL A 391 -11.40 4.26 3.55
C VAL A 391 -12.61 4.70 4.38
N ARG A 392 -13.67 3.88 4.45
CA ARG A 392 -14.85 4.23 5.23
C ARG A 392 -14.61 3.94 6.70
N ALA A 393 -14.78 4.97 7.55
CA ALA A 393 -14.54 4.79 8.98
C ALA A 393 -15.60 3.89 9.61
N SER A 394 -16.84 3.99 9.13
CA SER A 394 -17.93 3.18 9.64
C SER A 394 -17.56 1.71 9.67
N LEU A 395 -16.88 1.23 8.62
CA LEU A 395 -16.50 -0.17 8.54
C LEU A 395 -15.58 -0.56 9.68
N TYR A 396 -14.63 0.31 10.03
CA TYR A 396 -13.76 0.02 11.17
C TYR A 396 -14.52 0.10 12.48
N SER A 397 -15.64 0.82 12.52
CA SER A 397 -16.55 0.73 13.67
C SER A 397 -17.69 -0.28 13.45
N ASP A 398 -17.57 -1.18 12.47
CA ASP A 398 -18.63 -2.11 12.13
C ASP A 398 -18.28 -3.51 12.61
N PRO A 399 -19.02 -4.07 13.57
CA PRO A 399 -18.64 -5.40 14.11
C PRO A 399 -18.66 -6.52 13.08
N GLN A 400 -19.65 -6.54 12.17
CA GLN A 400 -19.66 -7.53 11.11
C GLN A 400 -18.40 -7.45 10.28
N PHE A 401 -17.93 -6.24 10.01
CA PHE A 401 -16.69 -6.08 9.25
C PHE A 401 -15.48 -6.45 10.10
N GLN A 402 -15.49 -6.10 11.39
CA GLN A 402 -14.36 -6.40 12.24
C GLN A 402 -14.16 -7.90 12.42
N ALA A 403 -15.25 -8.67 12.41
CA ALA A 403 -15.15 -10.11 12.60
C ALA A 403 -14.43 -10.79 11.44
N LYS A 404 -14.54 -10.22 10.23
CA LYS A 404 -13.88 -10.75 9.05
C LYS A 404 -12.56 -10.07 8.75
N TYR A 405 -12.24 -8.97 9.43
CA TYR A 405 -11.02 -8.19 9.19
C TYR A 405 -10.33 -7.98 10.53
N PRO A 406 -9.80 -9.05 11.15
CA PRO A 406 -9.35 -8.96 12.55
C PRO A 406 -8.20 -7.98 12.79
N MET A 407 -7.67 -7.38 11.72
CA MET A 407 -6.59 -6.41 11.83
C MET A 407 -7.10 -4.97 11.78
N HIS A 408 -8.41 -4.78 11.96
CA HIS A 408 -9.02 -3.46 11.79
C HIS A 408 -8.42 -2.43 12.75
N ALA A 409 -8.30 -2.79 14.04
CA ALA A 409 -7.90 -1.82 15.05
C ALA A 409 -6.50 -1.28 14.77
N ILE A 410 -5.55 -2.19 14.52
CA ILE A 410 -4.18 -1.78 14.24
C ILE A 410 -4.11 -0.93 12.97
N ILE A 411 -4.88 -1.30 11.94
CA ILE A 411 -4.86 -0.55 10.69
C ILE A 411 -5.39 0.87 10.90
N ARG A 412 -6.54 0.99 11.57
CA ARG A 412 -7.09 2.32 11.82
C ARG A 412 -6.15 3.14 12.69
N GLN A 413 -5.50 2.51 13.66
CA GLN A 413 -4.60 3.23 14.55
C GLN A 413 -3.36 3.71 13.81
N GLN A 414 -2.79 2.87 12.93
CA GLN A 414 -1.64 3.27 12.14
C GLN A 414 -2.01 4.30 11.08
N LEU A 415 -3.27 4.33 10.63
CA LEU A 415 -3.68 5.38 9.70
C LEU A 415 -3.96 6.70 10.42
N THR A 416 -4.38 6.64 11.68
CA THR A 416 -4.47 7.85 12.50
C THR A 416 -3.10 8.49 12.69
N ASP A 417 -2.08 7.68 12.89
CA ASP A 417 -0.74 8.13 13.21
C ASP A 417 0.21 8.12 12.01
N ALA A 418 -0.34 8.11 10.79
CA ALA A 418 0.41 7.67 9.63
C ALA A 418 1.54 8.63 9.25
N ALA A 419 2.67 8.06 8.84
CA ALA A 419 3.65 8.80 8.07
C ALA A 419 3.12 9.03 6.66
N VAL A 420 3.68 10.03 5.98
CA VAL A 420 3.31 10.33 4.60
C VAL A 420 4.57 10.57 3.80
N ARG A 421 4.55 10.11 2.54
CA ARG A 421 5.59 10.47 1.60
C ARG A 421 5.39 11.91 1.13
N PRO A 422 6.45 12.58 0.68
CA PRO A 422 6.30 13.99 0.29
C PRO A 422 5.35 14.15 -0.88
N ALA A 423 4.38 15.05 -0.72
CA ALA A 423 3.45 15.40 -1.79
C ALA A 423 4.10 16.48 -2.64
N THR A 424 4.55 16.11 -3.84
CA THR A 424 5.28 17.04 -4.68
C THR A 424 5.06 16.66 -6.14
N PRO A 425 4.97 17.64 -7.05
CA PRO A 425 4.79 17.32 -8.48
C PRO A 425 5.95 16.57 -9.08
N VAL A 426 7.10 16.51 -8.40
CA VAL A 426 8.28 15.84 -8.94
C VAL A 426 8.54 14.55 -8.16
N TYR A 427 7.49 13.98 -7.57
CA TYR A 427 7.69 12.78 -6.76
C TYR A 427 8.25 11.63 -7.59
N GLN A 428 7.89 11.55 -8.88
CA GLN A 428 8.41 10.50 -9.74
C GLN A 428 9.94 10.47 -9.74
N ALA A 429 10.54 11.60 -10.12
CA ALA A 429 11.99 11.71 -10.15
C ALA A 429 12.60 11.58 -8.76
N LEU A 430 11.94 12.17 -7.76
CA LEU A 430 12.44 12.09 -6.39
C LEU A 430 12.56 10.65 -5.94
N SER A 431 11.52 9.85 -6.18
CA SER A 431 11.52 8.46 -5.75
C SER A 431 12.54 7.65 -6.54
N ILE A 432 12.65 7.92 -7.85
CA ILE A 432 13.66 7.21 -8.64
C ILE A 432 15.06 7.46 -8.08
N ARG A 433 15.37 8.73 -7.79
CA ARG A 433 16.70 9.07 -7.30
C ARG A 433 16.95 8.48 -5.90
N LEU A 434 15.97 8.60 -5.01
CA LEU A 434 16.12 8.04 -3.67
C LEU A 434 16.32 6.53 -3.74
N ALA A 435 15.54 5.84 -4.59
CA ALA A 435 15.66 4.39 -4.69
C ALA A 435 17.01 3.99 -5.24
N ALA A 436 17.48 4.69 -6.28
CA ALA A 436 18.80 4.40 -6.84
C ALA A 436 19.90 4.57 -5.78
N VAL A 437 19.75 5.56 -4.90
CA VAL A 437 20.76 5.75 -3.86
C VAL A 437 20.64 4.64 -2.81
N LEU A 438 19.42 4.33 -2.37
CA LEU A 438 19.23 3.36 -1.31
C LEU A 438 19.58 1.94 -1.74
N SER A 439 19.40 1.62 -3.02
CA SER A 439 19.67 0.21 -3.31
C SER A 439 21.06 0.05 -3.93
N PRO A 440 21.77 -1.05 -3.62
CA PRO A 440 21.33 -2.09 -2.69
C PRO A 440 21.61 -1.70 -1.24
N ILE A 441 20.73 -2.10 -0.32
CA ILE A 441 20.85 -1.67 1.06
C ILE A 441 22.05 -2.28 1.76
N THR A 442 22.68 -3.30 1.18
CA THR A 442 23.92 -3.84 1.73
C THR A 442 25.09 -2.88 1.53
N GLU A 443 24.99 -1.94 0.60
CA GLU A 443 26.05 -0.97 0.34
C GLU A 443 25.79 0.38 1.00
N ILE A 444 24.82 0.45 1.91
CA ILE A 444 24.54 1.70 2.62
C ILE A 444 25.64 1.96 3.64
N ASP A 445 26.17 3.17 3.62
CA ASP A 445 26.99 3.68 4.72
C ASP A 445 26.32 4.92 5.29
N PRO A 446 25.73 4.83 6.49
CA PRO A 446 24.77 5.86 6.94
C PRO A 446 25.13 7.31 6.71
N GLU A 447 26.33 7.76 7.10
CA GLU A 447 26.68 9.17 6.95
C GLU A 447 26.79 9.55 5.47
N SER A 448 27.69 8.87 4.74
CA SER A 448 27.89 9.18 3.32
C SER A 448 26.61 8.99 2.54
N THR A 449 25.86 7.93 2.84
CA THR A 449 24.59 7.69 2.16
C THR A 449 23.60 8.80 2.45
N ALA A 450 23.58 9.31 3.68
CA ALA A 450 22.70 10.44 4.01
C ALA A 450 23.02 11.62 3.13
N ASP A 451 24.30 11.93 2.98
CA ASP A 451 24.66 13.09 2.14
C ASP A 451 24.31 12.85 0.68
N GLU A 452 24.58 11.65 0.17
CA GLU A 452 24.25 11.33 -1.21
C GLU A 452 22.73 11.41 -1.45
N LEU A 453 21.95 10.93 -0.48
CA LEU A 453 20.50 11.00 -0.57
C LEU A 453 20.03 12.44 -0.64
N ALA A 454 20.52 13.28 0.27
CA ALA A 454 20.09 14.68 0.27
C ALA A 454 20.46 15.35 -1.04
N ALA A 455 21.64 15.05 -1.57
CA ALA A 455 22.07 15.68 -2.83
C ALA A 455 21.17 15.24 -3.98
N GLN A 456 20.87 13.94 -4.08
CA GLN A 456 20.02 13.47 -5.17
C GLN A 456 18.60 14.00 -5.04
N ALA A 457 18.07 14.08 -3.82
CA ALA A 457 16.75 14.67 -3.63
C ALA A 457 16.76 16.14 -4.05
N GLN A 458 17.83 16.86 -3.74
CA GLN A 458 17.96 18.24 -4.20
C GLN A 458 17.90 18.31 -5.72
N LYS A 459 18.62 17.40 -6.38
CA LYS A 459 18.56 17.33 -7.84
C LYS A 459 17.12 17.14 -8.31
N ALA A 460 16.39 16.25 -7.65
CA ALA A 460 15.01 15.96 -8.05
C ALA A 460 14.12 17.20 -7.94
N ILE A 461 14.18 17.89 -6.79
CA ILE A 461 13.30 19.03 -6.61
C ILE A 461 13.78 20.29 -7.34
N ASP A 462 15.01 20.28 -7.86
CA ASP A 462 15.47 21.38 -8.70
C ASP A 462 14.97 21.28 -10.14
N GLY A 463 14.06 20.36 -10.43
CA GLY A 463 13.52 20.19 -11.77
C GLY A 463 14.54 19.70 -12.78
N MET A 464 15.57 19.00 -12.33
CA MET A 464 16.70 18.62 -13.18
C MET A 464 16.73 17.14 -13.54
N GLY A 465 16.03 16.28 -12.81
CA GLY A 465 15.96 14.89 -13.19
C GLY A 465 15.41 13.94 -12.15
C1 YYD B . 1.28 -0.29 -2.24
C2 YYD B . 0.67 0.97 -1.63
C3 YYD B . 1.08 2.19 -2.45
C4 YYD B . 2.59 2.21 -2.62
C5 YYD B . 3.07 0.88 -3.18
C6 YYD B . 4.60 0.89 -3.29
N6 YYD B . 5.06 -0.41 -3.74
O1 YYD B . 0.76 -0.47 -3.53
O2 YYD B . -0.72 0.86 -1.62
O3 YYD B . 0.66 3.36 -1.80
O4 YYD B . 2.94 3.24 -3.52
O5 YYD B . 2.67 -0.15 -2.33
C1 GLC B . 1.16 -1.72 -4.02
C2 GLC B . 0.73 -1.86 -5.48
C3 GLC B . -0.80 -1.85 -5.56
C4 GLC B . -1.38 -2.91 -4.63
C5 GLC B . -0.82 -2.72 -3.22
C6 GLC B . -1.32 -3.87 -2.34
O2 GLC B . 1.24 -0.78 -6.21
O3 GLC B . -1.20 -2.10 -6.87
O4 GLC B . -2.78 -2.80 -4.61
O5 GLC B . 0.57 -2.73 -3.26
O6 GLC B . -1.75 -3.34 -1.11
C BEZ C . 5.25 -1.50 -2.80
O1 BEZ C . 5.01 -1.32 -1.65
C1 BEZ C . 5.73 -2.86 -3.29
C2 BEZ C . 6.38 -2.97 -4.52
C3 BEZ C . 6.82 -4.21 -4.95
C4 BEZ C . 6.61 -5.33 -4.17
C5 BEZ C . 5.97 -5.21 -2.94
C6 BEZ C . 5.54 -3.98 -2.51
S SO4 D . 3.39 -9.78 -4.70
O1 SO4 D . 2.62 -9.19 -5.80
O2 SO4 D . 3.87 -11.10 -5.09
O3 SO4 D . 2.53 -9.93 -3.54
O4 SO4 D . 4.52 -8.93 -4.38
S SO4 E . 0.40 -15.82 -6.62
O1 SO4 E . 1.43 -16.76 -6.17
O2 SO4 E . -0.33 -16.42 -7.74
O3 SO4 E . 1.04 -14.59 -7.07
O4 SO4 E . -0.52 -15.54 -5.53
S SO4 F . -19.09 9.06 -25.92
O1 SO4 F . -19.23 9.99 -27.04
O2 SO4 F . -19.95 7.91 -26.13
O3 SO4 F . -17.70 8.63 -25.83
O4 SO4 F . -19.46 9.73 -24.68
S SO4 G . 9.54 1.01 -12.68
O1 SO4 G . 8.36 1.90 -12.86
O2 SO4 G . 9.35 -0.23 -13.46
O3 SO4 G . 9.68 0.67 -11.25
O4 SO4 G . 10.76 1.70 -13.15
S SO4 H . 7.57 8.94 -22.54
O1 SO4 H . 7.17 9.39 -23.88
O2 SO4 H . 8.34 7.72 -22.74
O3 SO4 H . 8.36 9.96 -21.86
O4 SO4 H . 6.41 8.69 -21.73
S SO4 I . 10.26 -2.34 -4.92
O1 SO4 I . 10.91 -2.14 -6.14
O2 SO4 I . 10.00 -3.71 -4.75
O3 SO4 I . 11.11 -1.87 -3.89
O4 SO4 I . 9.05 -1.62 -4.92
#